data_3HTZ
#
_entry.id   3HTZ
#
_cell.length_a   74.091
_cell.length_b   74.091
_cell.length_c   173.595
_cell.angle_alpha   90.00
_cell.angle_beta   90.00
_cell.angle_gamma   90.00
#
_symmetry.space_group_name_H-M   'P 41 21 2'
#
loop_
_entity.id
_entity.type
_entity.pdbx_description
1 polymer 'Alanyl-tRNA synthetase'
2 water water
#
_entity_poly.entity_id   1
_entity_poly.type   'polypeptide(L)'
_entity_poly.pdbx_seq_one_letter_code
;SLSAHEIRELFLSFFEKKGHTRVKSAPLVPENDPTLLFVNAGMVPFKNVFLGLEKRPYKRATSCQKCLRVSGKHNDLEQV
GYTSRHHTFFEMLGNFSFGDYFKKEAIEYAWEFVTEVLKLPKEKLYVSVYKDDEEAYRIWNEHIGIPSERIWRLGEEDNF
WQMGDVGPCGPSSEIYVDRGEEYEGDERYLEIWNLVFMQYNRDENGVLTPLPHPNIDTGMGLERIASVLQGKNSNFEIDI
IFPLIQFGEEVSGKKYGEKFETDVALRVIADHLRAITFAISDGVIPSNEGRGYVIRRILRRAMRFGYKLGIENPFLYKGV
DLVVDIMKEPYPELELSREFVKGIVKGEEKRFIKTLKAGMEYIQEVIQKALEEGRKTLSGKEVFTAYDTYGFPVDLIDEI
AREKGLGIDLEGFQCELEEQRERARKHFKVEAKKVKPVYSHLKELGKTSAFVGAAALEHHHHHH
;
_entity_poly.pdbx_strand_id   A
#
# COMPACT_ATOMS: atom_id res chain seq x y z
N SER A 1 -0.93 3.96 -23.78
CA SER A 1 -0.95 2.98 -24.88
C SER A 1 -1.72 1.73 -24.47
N LEU A 2 -1.53 1.32 -23.23
CA LEU A 2 -2.25 0.16 -22.75
C LEU A 2 -3.07 0.52 -21.53
N SER A 3 -4.36 0.22 -21.59
CA SER A 3 -5.23 0.47 -20.46
C SER A 3 -4.72 -0.38 -19.30
N ALA A 4 -5.01 0.06 -18.09
CA ALA A 4 -4.63 -0.70 -16.92
C ALA A 4 -5.23 -2.10 -16.99
N HIS A 5 -6.52 -2.15 -17.34
CA HIS A 5 -7.23 -3.42 -17.46
C HIS A 5 -6.56 -4.35 -18.47
N GLU A 6 -6.10 -3.76 -19.57
CA GLU A 6 -5.41 -4.51 -20.61
C GLU A 6 -4.06 -5.06 -20.14
N ILE A 7 -3.33 -4.26 -19.38
CA ILE A 7 -2.01 -4.66 -18.88
C ILE A 7 -2.13 -5.88 -17.97
N ARG A 8 -3.16 -5.90 -17.14
CA ARG A 8 -3.39 -7.00 -16.20
C ARG A 8 -3.57 -8.33 -16.93
N GLU A 9 -4.53 -8.39 -17.85
CA GLU A 9 -4.83 -9.62 -18.57
C GLU A 9 -3.63 -10.14 -19.36
N LEU A 10 -2.91 -9.25 -20.02
CA LEU A 10 -1.71 -9.62 -20.75
C LEU A 10 -0.73 -10.34 -19.83
N PHE A 11 -0.29 -9.68 -18.77
CA PHE A 11 0.61 -10.28 -17.80
C PHE A 11 0.17 -11.69 -17.46
N LEU A 12 -1.11 -11.84 -17.17
CA LEU A 12 -1.67 -13.14 -16.78
C LEU A 12 -1.64 -14.13 -17.94
N SER A 13 -2.21 -13.74 -19.08
CA SER A 13 -2.26 -14.62 -20.24
C SER A 13 -0.87 -14.95 -20.79
N PHE A 14 0.07 -14.02 -20.63
CA PHE A 14 1.44 -14.23 -21.08
C PHE A 14 2.14 -15.34 -20.28
N PHE A 15 2.02 -15.28 -18.96
CA PHE A 15 2.63 -16.31 -18.12
C PHE A 15 1.83 -17.60 -18.18
N GLU A 16 0.52 -17.49 -18.37
CA GLU A 16 -0.32 -18.65 -18.62
C GLU A 16 0.17 -19.38 -19.87
N LYS A 17 0.70 -18.61 -20.82
CA LYS A 17 1.26 -19.17 -22.04
C LYS A 17 2.56 -19.93 -21.74
N LYS A 18 2.85 -20.15 -20.46
CA LYS A 18 4.10 -20.78 -20.06
C LYS A 18 3.98 -21.60 -18.77
N GLY A 19 2.95 -22.44 -18.70
CA GLY A 19 2.81 -23.40 -17.62
C GLY A 19 2.24 -22.86 -16.32
N HIS A 20 2.10 -21.54 -16.25
CA HIS A 20 1.57 -20.90 -15.04
C HIS A 20 0.07 -21.05 -14.94
N THR A 21 -0.39 -21.44 -13.76
CA THR A 21 -1.81 -21.53 -13.49
C THR A 21 -2.29 -20.20 -12.91
N ARG A 22 -3.28 -19.60 -13.58
CA ARG A 22 -3.82 -18.33 -13.11
C ARG A 22 -4.57 -18.49 -11.80
N VAL A 23 -3.89 -18.23 -10.69
CA VAL A 23 -4.54 -18.22 -9.39
C VAL A 23 -5.14 -16.84 -9.19
N LYS A 24 -6.41 -16.79 -8.78
CA LYS A 24 -7.07 -15.52 -8.60
C LYS A 24 -6.69 -14.87 -7.27
N SER A 25 -6.83 -13.56 -7.21
CA SER A 25 -6.42 -12.80 -6.03
C SER A 25 -7.03 -13.34 -4.75
N ALA A 26 -6.18 -13.67 -3.79
CA ALA A 26 -6.65 -14.03 -2.46
C ALA A 26 -7.24 -12.78 -1.82
N PRO A 27 -8.30 -12.96 -1.00
CA PRO A 27 -8.89 -11.80 -0.33
C PRO A 27 -7.84 -10.98 0.41
N LEU A 28 -8.11 -9.69 0.57
CA LEU A 28 -7.20 -8.79 1.25
C LEU A 28 -6.94 -9.24 2.69
N VAL A 29 -7.95 -9.87 3.29
CA VAL A 29 -7.85 -10.37 4.65
C VAL A 29 -7.43 -11.83 4.67
N PRO A 30 -6.30 -12.13 5.32
CA PRO A 30 -5.77 -13.48 5.43
C PRO A 30 -6.67 -14.38 6.28
N GLU A 31 -7.24 -15.41 5.66
CA GLU A 31 -8.16 -16.33 6.34
C GLU A 31 -7.55 -16.89 7.63
N ASN A 32 -6.27 -17.25 7.59
CA ASN A 32 -5.59 -17.79 8.76
C ASN A 32 -4.20 -17.22 9.00
N ASP A 33 -4.16 -15.99 9.51
CA ASP A 33 -2.92 -15.33 9.87
C ASP A 33 -3.28 -14.09 10.70
N PRO A 34 -3.71 -14.31 11.95
CA PRO A 34 -4.21 -13.23 12.80
C PRO A 34 -3.16 -12.16 13.13
N THR A 35 -1.90 -12.42 12.77
CA THR A 35 -0.82 -11.46 13.03
C THR A 35 -0.73 -10.41 11.94
N LEU A 36 -0.96 -10.83 10.70
CA LEU A 36 -0.93 -9.92 9.55
C LEU A 36 -2.34 -9.41 9.27
N LEU A 37 -2.50 -8.10 9.22
CA LEU A 37 -3.82 -7.51 9.02
C LEU A 37 -4.31 -7.66 7.59
N PHE A 38 -3.46 -7.33 6.63
CA PHE A 38 -3.83 -7.42 5.22
C PHE A 38 -2.73 -8.02 4.35
N VAL A 39 -3.14 -8.61 3.23
CA VAL A 39 -2.20 -9.09 2.24
C VAL A 39 -1.46 -7.90 1.63
N ASN A 40 -0.14 -7.89 1.75
CA ASN A 40 0.67 -6.76 1.32
C ASN A 40 1.43 -7.03 0.03
N ALA A 41 1.43 -8.30 -0.39
CA ALA A 41 2.15 -8.68 -1.60
C ALA A 41 1.80 -10.08 -2.10
N GLY A 42 1.82 -10.21 -3.42
CA GLY A 42 1.93 -11.54 -4.12
C GLY A 42 1.98 -12.87 -3.36
N MET A 43 3.17 -13.23 -2.87
CA MET A 43 3.47 -14.56 -2.35
C MET A 43 2.79 -14.90 -1.02
N VAL A 44 2.31 -13.89 -0.33
CA VAL A 44 1.72 -14.08 0.99
C VAL A 44 0.76 -15.26 1.01
N PRO A 45 -0.26 -15.24 0.14
CA PRO A 45 -1.12 -16.40 -0.11
C PRO A 45 -0.35 -17.68 -0.38
N PHE A 46 0.82 -17.57 -1.01
CA PHE A 46 1.61 -18.73 -1.42
C PHE A 46 2.70 -19.09 -0.42
N LYS A 47 2.71 -18.42 0.71
CA LYS A 47 3.78 -18.52 1.69
C LYS A 47 4.12 -19.96 2.08
N ASN A 48 3.10 -20.74 2.41
CA ASN A 48 3.30 -22.13 2.84
C ASN A 48 3.85 -23.00 1.72
N VAL A 49 3.41 -22.74 0.49
CA VAL A 49 3.89 -23.49 -0.67
C VAL A 49 5.38 -23.25 -0.86
N PHE A 50 5.80 -22.01 -0.66
CA PHE A 50 7.20 -21.63 -0.76
C PHE A 50 8.04 -22.29 0.33
N LEU A 51 7.35 -22.84 1.35
CA LEU A 51 8.01 -23.44 2.50
C LEU A 51 7.94 -24.96 2.46
N GLY A 52 6.92 -25.50 1.82
CA GLY A 52 6.71 -26.94 1.77
C GLY A 52 5.79 -27.43 2.87
N LEU A 53 4.75 -26.65 3.14
CA LEU A 53 3.74 -27.02 4.13
C LEU A 53 2.41 -27.24 3.43
N GLU A 54 2.20 -26.49 2.36
CA GLU A 54 1.05 -26.69 1.48
C GLU A 54 1.53 -27.16 0.12
N LYS A 55 0.92 -28.25 -0.36
CA LYS A 55 1.17 -28.73 -1.71
C LYS A 55 0.24 -27.99 -2.66
N ARG A 56 0.49 -28.14 -3.97
CA ARG A 56 -0.36 -27.54 -4.98
C ARG A 56 -0.26 -28.36 -6.28
N PRO A 57 -1.39 -28.51 -6.97
CA PRO A 57 -1.42 -29.22 -8.25
C PRO A 57 -0.50 -28.59 -9.30
N TYR A 58 0.10 -27.46 -8.98
CA TYR A 58 0.95 -26.75 -9.94
C TYR A 58 2.32 -26.35 -9.35
N LYS A 59 3.28 -26.13 -10.24
CA LYS A 59 4.61 -25.65 -9.85
C LYS A 59 4.81 -24.22 -10.33
N ARG A 60 3.90 -23.75 -11.17
CA ARG A 60 3.97 -22.41 -11.70
C ARG A 60 2.66 -21.68 -11.48
N ALA A 61 2.75 -20.47 -10.94
CA ALA A 61 1.55 -19.69 -10.68
C ALA A 61 1.71 -18.25 -11.16
N THR A 62 0.58 -17.62 -11.45
CA THR A 62 0.58 -16.22 -11.83
C THR A 62 -0.65 -15.56 -11.21
N SER A 63 -0.55 -14.28 -10.87
CA SER A 63 -1.70 -13.59 -10.32
C SER A 63 -1.58 -12.07 -10.26
N CYS A 64 -2.76 -11.43 -10.26
CA CYS A 64 -2.89 -10.04 -9.92
C CYS A 64 -3.50 -10.01 -8.54
N GLN A 65 -2.73 -9.59 -7.55
CA GLN A 65 -3.15 -9.69 -6.15
C GLN A 65 -3.58 -8.36 -5.57
N LYS A 66 -4.74 -8.34 -4.93
CA LYS A 66 -5.21 -7.17 -4.21
C LYS A 66 -4.33 -6.99 -2.98
N CYS A 67 -3.65 -5.85 -2.91
CA CYS A 67 -2.71 -5.60 -1.82
C CYS A 67 -3.05 -4.34 -1.05
N LEU A 68 -2.75 -4.37 0.25
CA LEU A 68 -2.86 -3.19 1.10
C LEU A 68 -1.56 -2.99 1.86
N ARG A 69 -1.11 -1.74 1.92
CA ARG A 69 0.10 -1.40 2.66
C ARG A 69 -0.21 -0.38 3.74
N VAL A 70 -0.94 -0.84 4.75
CA VAL A 70 -1.40 0.04 5.83
C VAL A 70 -1.05 -0.47 7.21
N SER A 71 -0.15 -1.46 7.28
CA SER A 71 0.15 -2.08 8.58
C SER A 71 1.58 -2.58 8.71
N GLY A 72 2.12 -2.48 9.93
CA GLY A 72 3.40 -3.08 10.27
C GLY A 72 4.59 -2.65 9.45
N LYS A 73 5.38 -3.63 9.04
CA LYS A 73 6.65 -3.38 8.36
C LYS A 73 6.50 -2.89 6.93
N HIS A 74 5.28 -2.92 6.42
CA HIS A 74 5.00 -2.47 5.06
C HIS A 74 3.80 -1.54 5.10
N ASN A 75 4.03 -0.33 5.60
CA ASN A 75 2.95 0.60 5.91
C ASN A 75 3.19 1.97 5.30
N ASP A 76 2.52 2.24 4.18
CA ASP A 76 2.71 3.49 3.46
C ASP A 76 1.65 4.55 3.76
N LEU A 77 0.74 4.23 4.67
CA LEU A 77 -0.39 5.11 4.98
C LEU A 77 0.00 6.58 5.20
N GLU A 78 1.07 6.79 5.96
CA GLU A 78 1.50 8.15 6.33
C GLU A 78 1.87 9.02 5.13
N GLN A 79 2.23 8.39 4.02
CA GLN A 79 2.70 9.10 2.85
C GLN A 79 1.63 9.32 1.78
N VAL A 80 0.56 8.53 1.86
CA VAL A 80 -0.51 8.60 0.86
C VAL A 80 -1.08 10.01 0.72
N GLY A 81 -1.06 10.53 -0.50
CA GLY A 81 -1.56 11.87 -0.79
C GLY A 81 -0.46 12.87 -1.04
N TYR A 82 0.68 12.69 -0.39
CA TYR A 82 1.78 13.63 -0.49
C TYR A 82 2.67 13.39 -1.70
N THR A 83 2.69 12.17 -2.19
CA THR A 83 3.50 11.82 -3.35
C THR A 83 2.66 11.24 -4.48
N SER A 84 3.31 10.92 -5.59
CA SER A 84 2.62 10.40 -6.76
C SER A 84 2.77 8.87 -6.90
N ARG A 85 3.28 8.22 -5.87
CA ARG A 85 3.60 6.79 -5.97
C ARG A 85 3.05 5.90 -4.86
N HIS A 86 2.49 6.49 -3.81
CA HIS A 86 2.10 5.72 -2.64
C HIS A 86 0.62 5.38 -2.55
N HIS A 87 0.34 4.18 -2.05
CA HIS A 87 -1.01 3.66 -2.02
C HIS A 87 -1.30 2.94 -0.73
N THR A 88 -2.58 2.87 -0.39
CA THR A 88 -3.05 1.92 0.59
C THR A 88 -3.34 0.65 -0.20
N PHE A 89 -4.34 0.73 -1.07
CA PHE A 89 -4.68 -0.37 -1.95
C PHE A 89 -4.00 -0.22 -3.31
N PHE A 90 -3.51 -1.34 -3.83
CA PHE A 90 -2.96 -1.38 -5.18
C PHE A 90 -2.90 -2.84 -5.63
N GLU A 91 -2.65 -3.05 -6.91
CA GLU A 91 -2.60 -4.39 -7.46
C GLU A 91 -1.17 -4.79 -7.84
N MET A 92 -0.78 -5.99 -7.43
CA MET A 92 0.55 -6.50 -7.74
C MET A 92 0.50 -7.69 -8.69
N LEU A 93 1.18 -7.55 -9.82
CA LEU A 93 1.32 -8.63 -10.78
C LEU A 93 2.51 -9.48 -10.38
N GLY A 94 2.34 -10.80 -10.41
CA GLY A 94 3.41 -11.69 -9.97
C GLY A 94 3.48 -13.01 -10.71
N ASN A 95 4.69 -13.52 -10.85
CA ASN A 95 4.92 -14.86 -11.37
C ASN A 95 5.77 -15.63 -10.37
N PHE A 96 5.39 -16.87 -10.08
CA PHE A 96 6.07 -17.62 -9.03
C PHE A 96 6.46 -19.03 -9.43
N SER A 97 7.61 -19.48 -8.94
CA SER A 97 8.08 -20.84 -9.13
C SER A 97 8.25 -21.53 -7.77
N PHE A 98 7.88 -22.80 -7.69
CA PHE A 98 7.90 -23.55 -6.42
C PHE A 98 8.51 -24.97 -6.39
N GLY A 99 9.80 -25.18 -6.58
CA GLY A 99 10.72 -24.31 -7.25
C GLY A 99 11.06 -25.09 -8.50
N ASP A 100 10.55 -24.58 -9.61
CA ASP A 100 10.68 -25.22 -10.90
C ASP A 100 11.84 -24.51 -11.56
N TYR A 101 11.50 -23.49 -12.33
CA TYR A 101 12.50 -22.65 -12.96
C TYR A 101 13.11 -21.69 -11.95
N PHE A 102 14.33 -21.24 -12.22
CA PHE A 102 15.02 -20.29 -11.35
C PHE A 102 15.33 -18.99 -12.08
N LYS A 103 16.51 -18.43 -11.83
CA LYS A 103 16.86 -17.07 -12.27
C LYS A 103 16.73 -16.85 -13.77
N LYS A 104 17.34 -17.76 -14.53
CA LYS A 104 17.41 -17.61 -15.98
C LYS A 104 16.03 -17.46 -16.61
N GLU A 105 15.12 -18.36 -16.27
CA GLU A 105 13.78 -18.33 -16.84
C GLU A 105 13.02 -17.10 -16.36
N ALA A 106 13.07 -16.85 -15.05
CA ALA A 106 12.43 -15.68 -14.47
C ALA A 106 12.87 -14.40 -15.16
N ILE A 107 14.16 -14.34 -15.48
CA ILE A 107 14.72 -13.20 -16.20
C ILE A 107 14.32 -13.25 -17.67
N GLU A 108 14.43 -14.42 -18.29
CA GLU A 108 14.02 -14.59 -19.69
C GLU A 108 12.58 -14.14 -19.91
N TYR A 109 11.66 -14.66 -19.10
CA TYR A 109 10.25 -14.31 -19.21
C TYR A 109 10.04 -12.82 -19.02
N ALA A 110 10.60 -12.28 -17.94
CA ALA A 110 10.42 -10.88 -17.57
C ALA A 110 10.94 -9.93 -18.66
N TRP A 111 12.08 -10.28 -19.26
CA TRP A 111 12.64 -9.48 -20.34
C TRP A 111 11.73 -9.55 -21.56
N GLU A 112 11.28 -10.76 -21.89
CA GLU A 112 10.39 -10.97 -23.01
C GLU A 112 9.13 -10.12 -22.86
N PHE A 113 8.49 -10.23 -21.69
CA PHE A 113 7.25 -9.51 -21.43
C PHE A 113 7.40 -8.00 -21.59
N VAL A 114 8.46 -7.44 -21.04
CA VAL A 114 8.69 -6.01 -21.07
C VAL A 114 9.07 -5.51 -22.47
N THR A 115 9.79 -6.35 -23.21
CA THR A 115 10.24 -5.98 -24.54
C THR A 115 9.17 -6.26 -25.61
N GLU A 116 8.61 -7.46 -25.59
CA GLU A 116 7.65 -7.86 -26.61
C GLU A 116 6.23 -7.37 -26.31
N VAL A 117 5.70 -7.80 -25.17
CA VAL A 117 4.30 -7.52 -24.84
C VAL A 117 4.09 -6.05 -24.44
N LEU A 118 5.01 -5.51 -23.66
CA LEU A 118 4.90 -4.11 -23.23
C LEU A 118 5.46 -3.14 -24.26
N LYS A 119 6.33 -3.65 -25.14
CA LYS A 119 6.84 -2.87 -26.27
C LYS A 119 7.77 -1.72 -25.88
N LEU A 120 8.34 -1.79 -24.67
CA LEU A 120 9.26 -0.76 -24.20
C LEU A 120 10.64 -0.92 -24.85
N PRO A 121 11.20 0.17 -25.35
CA PRO A 121 12.53 0.17 -25.97
C PRO A 121 13.56 -0.45 -25.03
N LYS A 122 14.34 -1.40 -25.54
CA LYS A 122 15.27 -2.15 -24.71
C LYS A 122 16.47 -1.32 -24.24
N GLU A 123 16.81 -0.29 -25.01
CA GLU A 123 17.92 0.58 -24.65
C GLU A 123 17.54 1.57 -23.55
N LYS A 124 16.27 1.58 -23.17
CA LYS A 124 15.80 2.45 -22.11
C LYS A 124 15.53 1.67 -20.82
N LEU A 125 16.04 0.44 -20.76
CA LEU A 125 15.85 -0.41 -19.60
C LEU A 125 17.16 -0.63 -18.83
N TYR A 126 17.10 -0.41 -17.52
CA TYR A 126 18.22 -0.69 -16.63
C TYR A 126 17.86 -1.85 -15.73
N VAL A 127 18.85 -2.61 -15.29
CA VAL A 127 18.62 -3.71 -14.37
C VAL A 127 19.59 -3.64 -13.19
N SER A 128 19.13 -4.11 -12.03
CA SER A 128 19.97 -4.14 -10.85
C SER A 128 20.12 -5.57 -10.37
N VAL A 129 21.33 -5.92 -9.93
CA VAL A 129 21.57 -7.21 -9.30
C VAL A 129 22.33 -7.00 -8.00
N TYR A 130 22.36 -8.04 -7.17
CA TYR A 130 23.15 -8.01 -5.95
C TYR A 130 24.63 -8.14 -6.30
N LYS A 131 25.46 -7.30 -5.70
CA LYS A 131 26.89 -7.23 -6.05
C LYS A 131 27.59 -8.59 -5.98
N ASP A 132 27.15 -9.45 -5.07
CA ASP A 132 27.76 -10.76 -4.89
C ASP A 132 27.07 -11.83 -5.75
N ASP A 133 26.00 -11.45 -6.43
CA ASP A 133 25.29 -12.38 -7.31
C ASP A 133 25.86 -12.32 -8.73
N GLU A 134 26.85 -13.16 -8.99
CA GLU A 134 27.52 -13.18 -10.29
C GLU A 134 26.68 -13.92 -11.32
N GLU A 135 25.99 -14.96 -10.87
CA GLU A 135 25.12 -15.74 -11.74
C GLU A 135 24.09 -14.86 -12.44
N ALA A 136 23.46 -13.98 -11.67
CA ALA A 136 22.41 -13.10 -12.20
C ALA A 136 22.98 -12.06 -13.16
N TYR A 137 24.10 -11.45 -12.78
CA TYR A 137 24.77 -10.48 -13.64
C TYR A 137 25.10 -11.12 -14.98
N ARG A 138 25.63 -12.34 -14.93
CA ARG A 138 25.98 -13.09 -16.13
C ARG A 138 24.80 -13.19 -17.08
N ILE A 139 23.68 -13.68 -16.57
CA ILE A 139 22.47 -13.86 -17.35
C ILE A 139 22.05 -12.59 -18.09
N TRP A 140 22.05 -11.47 -17.38
CA TRP A 140 21.70 -10.18 -17.97
C TRP A 140 22.71 -9.75 -19.03
N ASN A 141 23.98 -9.73 -18.64
CA ASN A 141 25.05 -9.22 -19.48
C ASN A 141 25.32 -10.06 -20.72
N GLU A 142 25.56 -11.35 -20.50
CA GLU A 142 25.90 -12.26 -21.60
C GLU A 142 24.66 -12.75 -22.34
N HIS A 143 23.81 -13.47 -21.61
CA HIS A 143 22.69 -14.19 -22.20
C HIS A 143 21.57 -13.28 -22.73
N ILE A 144 21.11 -12.35 -21.90
CA ILE A 144 20.08 -11.41 -22.33
C ILE A 144 20.68 -10.36 -23.26
N GLY A 145 21.88 -9.92 -22.95
CA GLY A 145 22.58 -8.95 -23.80
C GLY A 145 22.46 -7.52 -23.33
N ILE A 146 22.25 -7.33 -22.04
CA ILE A 146 22.25 -5.99 -21.47
C ILE A 146 23.70 -5.52 -21.37
N PRO A 147 24.01 -4.37 -21.99
CA PRO A 147 25.33 -3.79 -21.88
C PRO A 147 25.68 -3.53 -20.42
N SER A 148 26.95 -3.68 -20.07
CA SER A 148 27.39 -3.51 -18.68
C SER A 148 27.05 -2.14 -18.12
N GLU A 149 26.84 -1.17 -19.01
CA GLU A 149 26.58 0.21 -18.60
C GLU A 149 25.17 0.42 -18.08
N ARG A 150 24.27 -0.51 -18.42
CA ARG A 150 22.89 -0.44 -17.96
C ARG A 150 22.58 -1.57 -16.98
N ILE A 151 23.61 -1.98 -16.23
CA ILE A 151 23.45 -2.97 -15.16
C ILE A 151 24.04 -2.41 -13.87
N TRP A 152 23.28 -2.48 -12.79
CA TRP A 152 23.76 -2.01 -11.50
C TRP A 152 23.98 -3.14 -10.50
N ARG A 153 25.18 -3.19 -9.93
CA ARG A 153 25.47 -4.12 -8.84
C ARG A 153 25.40 -3.39 -7.51
N LEU A 154 24.37 -3.72 -6.72
CA LEU A 154 24.11 -3.00 -5.48
C LEU A 154 24.21 -3.90 -4.25
N GLY A 155 24.06 -3.28 -3.07
CA GLY A 155 24.21 -3.99 -1.81
C GLY A 155 22.95 -4.68 -1.30
N GLU A 156 22.99 -5.08 -0.04
CA GLU A 156 21.94 -5.89 0.59
C GLU A 156 20.61 -5.15 0.74
N GLU A 157 20.69 -3.85 1.04
CA GLU A 157 19.50 -3.04 1.23
C GLU A 157 18.73 -2.86 -0.05
N ASP A 158 19.45 -2.89 -1.17
CA ASP A 158 18.84 -2.67 -2.47
C ASP A 158 18.50 -3.97 -3.17
N ASN A 159 19.31 -5.01 -2.96
CA ASN A 159 19.17 -6.23 -3.75
C ASN A 159 19.21 -7.57 -3.03
N PHE A 160 18.85 -7.56 -1.75
CA PHE A 160 18.67 -8.83 -1.05
C PHE A 160 17.33 -8.87 -0.34
N TRP A 161 16.62 -9.98 -0.53
CA TRP A 161 15.27 -10.11 -0.02
C TRP A 161 15.20 -11.15 1.08
N GLN A 162 14.28 -10.93 2.03
CA GLN A 162 14.03 -11.89 3.08
C GLN A 162 12.54 -12.04 3.33
N MET A 163 12.10 -13.25 3.60
CA MET A 163 10.71 -13.51 3.94
C MET A 163 10.45 -13.02 5.36
N GLY A 164 11.48 -13.13 6.19
CA GLY A 164 11.43 -12.65 7.57
C GLY A 164 12.87 -12.55 8.02
N ASP A 165 13.08 -12.28 9.30
CA ASP A 165 14.44 -12.25 9.83
C ASP A 165 15.05 -13.65 9.78
N VAL A 166 14.20 -14.68 9.87
CA VAL A 166 14.64 -16.04 9.67
C VAL A 166 13.83 -16.67 8.54
N GLY A 167 14.38 -17.70 7.90
CA GLY A 167 13.68 -18.39 6.83
C GLY A 167 14.21 -18.06 5.44
N PRO A 168 13.40 -18.37 4.41
CA PRO A 168 13.76 -18.17 3.01
C PRO A 168 14.16 -16.73 2.69
N CYS A 169 15.22 -16.59 1.90
CA CYS A 169 15.71 -15.29 1.48
C CYS A 169 16.49 -15.45 0.18
N GLY A 170 17.11 -14.36 -0.28
CA GLY A 170 17.93 -14.42 -1.49
C GLY A 170 18.11 -13.10 -2.18
N PRO A 171 18.94 -13.08 -3.23
CA PRO A 171 19.19 -11.88 -4.01
C PRO A 171 17.99 -11.52 -4.86
N SER A 172 17.94 -10.27 -5.31
CA SER A 172 16.86 -9.81 -6.15
C SER A 172 17.39 -9.00 -7.31
N SER A 173 16.58 -8.88 -8.36
CA SER A 173 16.94 -8.09 -9.52
C SER A 173 15.75 -7.22 -9.87
N GLU A 174 15.99 -5.92 -9.98
CA GLU A 174 14.93 -4.98 -10.31
C GLU A 174 15.10 -4.45 -11.73
N ILE A 175 13.98 -4.27 -12.42
CA ILE A 175 13.97 -3.72 -13.77
C ILE A 175 13.49 -2.27 -13.73
N TYR A 176 14.29 -1.38 -14.30
CA TYR A 176 13.96 0.05 -14.31
C TYR A 176 13.73 0.57 -15.72
N VAL A 177 12.98 1.66 -15.82
CA VAL A 177 12.74 2.31 -17.10
C VAL A 177 13.22 3.76 -17.02
N ASP A 178 14.14 4.13 -17.91
CA ASP A 178 14.62 5.50 -17.98
C ASP A 178 13.54 6.36 -18.63
N ARG A 179 12.86 7.15 -17.80
CA ARG A 179 11.74 7.95 -18.28
C ARG A 179 12.18 9.24 -18.97
N GLY A 180 13.47 9.54 -18.88
CA GLY A 180 14.02 10.71 -19.57
C GLY A 180 14.83 11.63 -18.67
N GLU A 181 15.63 12.48 -19.30
CA GLU A 181 16.51 13.41 -18.60
C GLU A 181 15.71 14.50 -17.90
N GLU A 182 14.47 14.67 -18.32
CA GLU A 182 13.58 15.67 -17.73
C GLU A 182 13.22 15.31 -16.30
N TYR A 183 13.72 14.17 -15.83
CA TYR A 183 13.44 13.70 -14.47
C TYR A 183 14.70 13.46 -13.65
N GLU A 184 14.50 13.12 -12.38
CA GLU A 184 15.59 12.93 -11.44
C GLU A 184 15.44 11.65 -10.61
N GLY A 185 16.57 11.03 -10.29
CA GLY A 185 16.62 9.89 -9.38
C GLY A 185 15.70 8.73 -9.70
N ASP A 186 15.01 8.22 -8.69
CA ASP A 186 14.12 7.08 -8.85
C ASP A 186 12.84 7.44 -9.60
N GLU A 187 12.64 8.72 -9.84
CA GLU A 187 11.54 9.19 -10.70
C GLU A 187 11.93 9.10 -12.17
N ARG A 188 13.22 9.27 -12.45
CA ARG A 188 13.73 9.09 -13.80
C ARG A 188 13.94 7.61 -14.10
N TYR A 189 14.66 6.93 -13.21
CA TYR A 189 14.87 5.50 -13.33
C TYR A 189 13.84 4.79 -12.46
N LEU A 190 12.61 4.79 -12.95
CA LEU A 190 11.46 4.29 -12.20
C LEU A 190 11.37 2.76 -12.23
N GLU A 191 11.48 2.14 -11.06
CA GLU A 191 11.36 0.70 -10.93
C GLU A 191 9.95 0.24 -11.30
N ILE A 192 9.87 -0.85 -12.06
CA ILE A 192 8.57 -1.37 -12.47
C ILE A 192 8.41 -2.84 -12.13
N TRP A 193 9.51 -3.50 -11.79
CA TRP A 193 9.49 -4.93 -11.52
C TRP A 193 10.59 -5.38 -10.56
N ASN A 194 10.21 -6.18 -9.56
CA ASN A 194 11.16 -6.76 -8.63
C ASN A 194 11.16 -8.28 -8.74
N LEU A 195 12.30 -8.85 -9.14
CA LEU A 195 12.44 -10.30 -9.27
C LEU A 195 13.19 -10.87 -8.08
N VAL A 196 12.54 -11.77 -7.33
CA VAL A 196 13.17 -12.36 -6.15
C VAL A 196 13.63 -13.80 -6.37
N PHE A 197 14.92 -14.03 -6.17
CA PHE A 197 15.49 -15.36 -6.29
C PHE A 197 15.59 -16.01 -4.93
N MET A 198 14.51 -16.64 -4.48
CA MET A 198 14.47 -17.28 -3.18
C MET A 198 15.45 -18.46 -3.15
N GLN A 199 16.69 -18.16 -2.79
CA GLN A 199 17.79 -19.09 -2.96
C GLN A 199 18.29 -19.69 -1.66
N TYR A 200 18.22 -18.92 -0.58
CA TYR A 200 18.80 -19.33 0.68
C TYR A 200 17.80 -19.45 1.81
N ASN A 201 18.20 -20.18 2.86
CA ASN A 201 17.47 -20.19 4.11
C ASN A 201 18.34 -19.58 5.20
N ARG A 202 17.79 -18.59 5.90
CA ARG A 202 18.50 -17.96 7.00
C ARG A 202 18.04 -18.58 8.31
N ASP A 203 18.99 -19.14 9.07
CA ASP A 203 18.65 -19.78 10.34
C ASP A 203 18.63 -18.78 11.49
N GLU A 204 18.29 -19.28 12.69
CA GLU A 204 18.14 -18.42 13.85
C GLU A 204 19.42 -17.70 14.24
N ASN A 205 20.56 -18.17 13.72
CA ASN A 205 21.85 -17.55 14.01
C ASN A 205 22.30 -16.59 12.91
N GLY A 206 21.49 -16.46 11.87
CA GLY A 206 21.78 -15.56 10.77
C GLY A 206 22.67 -16.16 9.70
N VAL A 207 22.84 -17.49 9.76
CA VAL A 207 23.67 -18.20 8.78
C VAL A 207 22.84 -18.60 7.56
N LEU A 208 23.38 -18.37 6.38
CA LEU A 208 22.68 -18.69 5.14
C LEU A 208 23.16 -20.00 4.52
N THR A 209 22.22 -20.93 4.33
CA THR A 209 22.49 -22.18 3.65
C THR A 209 21.57 -22.29 2.44
N PRO A 210 22.04 -22.96 1.38
CA PRO A 210 21.24 -23.07 0.16
C PRO A 210 19.95 -23.86 0.39
N LEU A 211 18.92 -23.53 -0.37
CA LEU A 211 17.66 -24.28 -0.32
C LEU A 211 17.76 -25.47 -1.25
N PRO A 212 17.12 -26.59 -0.87
CA PRO A 212 17.09 -27.77 -1.73
C PRO A 212 16.44 -27.47 -3.08
N HIS A 213 15.42 -26.61 -3.08
CA HIS A 213 14.77 -26.22 -4.33
C HIS A 213 14.48 -24.73 -4.37
N PRO A 214 15.35 -23.97 -5.05
CA PRO A 214 15.22 -22.55 -5.26
C PRO A 214 13.84 -22.13 -5.75
N ASN A 215 13.35 -21.01 -5.23
CA ASN A 215 12.04 -20.50 -5.57
C ASN A 215 12.13 -19.18 -6.33
N ILE A 216 11.05 -18.83 -7.01
CA ILE A 216 10.94 -17.53 -7.66
C ILE A 216 9.73 -16.76 -7.15
N ASP A 217 9.92 -15.46 -6.95
CA ASP A 217 8.85 -14.59 -6.51
C ASP A 217 9.01 -13.26 -7.23
N THR A 218 7.96 -12.79 -7.91
CA THR A 218 8.05 -11.45 -8.47
C THR A 218 6.83 -10.56 -8.25
N GLY A 219 7.08 -9.26 -8.28
CA GLY A 219 6.05 -8.25 -8.09
C GLY A 219 6.20 -7.10 -9.06
N MET A 220 5.13 -6.81 -9.79
CA MET A 220 5.03 -5.62 -10.62
C MET A 220 3.76 -4.86 -10.26
N GLY A 221 3.94 -3.61 -9.82
CA GLY A 221 2.81 -2.76 -9.47
C GLY A 221 2.04 -2.31 -10.71
N LEU A 222 0.76 -2.63 -10.75
CA LEU A 222 -0.08 -2.34 -11.91
C LEU A 222 -0.23 -0.83 -12.16
N GLU A 223 -0.49 -0.08 -11.10
CA GLU A 223 -0.70 1.36 -11.21
C GLU A 223 0.54 2.08 -11.75
N ARG A 224 1.71 1.59 -11.37
CA ARG A 224 2.96 2.25 -11.73
C ARG A 224 3.38 2.01 -13.18
N ILE A 225 3.28 0.76 -13.62
CA ILE A 225 3.65 0.44 -15.00
C ILE A 225 2.69 1.13 -15.98
N ALA A 226 1.41 1.11 -15.65
CA ALA A 226 0.39 1.78 -16.46
C ALA A 226 0.70 3.25 -16.66
N SER A 227 1.27 3.88 -15.64
CA SER A 227 1.64 5.29 -15.72
C SER A 227 2.79 5.53 -16.71
N VAL A 228 3.64 4.52 -16.88
CA VAL A 228 4.71 4.60 -17.86
C VAL A 228 4.17 4.37 -19.26
N LEU A 229 3.30 3.38 -19.40
CA LEU A 229 2.71 3.06 -20.70
C LEU A 229 1.70 4.10 -21.15
N GLN A 230 1.13 4.82 -20.18
CA GLN A 230 0.18 5.88 -20.48
C GLN A 230 0.85 7.25 -20.45
N GLY A 231 2.17 7.27 -20.26
CA GLY A 231 2.94 8.50 -20.28
C GLY A 231 2.57 9.49 -19.19
N LYS A 232 2.12 8.98 -18.05
CA LYS A 232 1.73 9.82 -16.93
C LYS A 232 2.88 10.01 -15.95
N ASN A 233 2.81 11.09 -15.16
CA ASN A 233 3.83 11.38 -14.17
C ASN A 233 3.39 10.96 -12.77
N SER A 234 2.16 10.45 -12.68
CA SER A 234 1.61 10.02 -11.40
C SER A 234 0.76 8.77 -11.58
N ASN A 235 0.74 7.93 -10.55
CA ASN A 235 -0.13 6.76 -10.53
C ASN A 235 -1.60 7.18 -10.47
N PHE A 236 -1.83 8.42 -10.04
CA PHE A 236 -3.17 8.93 -9.86
C PHE A 236 -3.79 9.45 -11.15
N GLU A 237 -2.96 9.66 -12.17
CA GLU A 237 -3.42 10.20 -13.44
C GLU A 237 -3.71 9.10 -14.47
N ILE A 238 -3.73 7.85 -14.01
CA ILE A 238 -3.98 6.74 -14.94
C ILE A 238 -5.47 6.52 -15.17
N ASP A 239 -5.78 5.73 -16.19
CA ASP A 239 -7.16 5.54 -16.65
C ASP A 239 -8.11 5.05 -15.56
N ILE A 240 -7.61 4.21 -14.66
CA ILE A 240 -8.46 3.57 -13.65
C ILE A 240 -8.43 4.29 -12.31
N ILE A 241 -7.71 5.40 -12.23
CA ILE A 241 -7.64 6.17 -10.99
C ILE A 241 -8.06 7.63 -11.15
N PHE A 242 -7.62 8.26 -12.24
CA PHE A 242 -7.92 9.67 -12.46
C PHE A 242 -9.40 10.04 -12.37
N PRO A 243 -10.29 9.18 -12.89
CA PRO A 243 -11.72 9.45 -12.75
C PRO A 243 -12.14 9.69 -11.30
N LEU A 244 -11.41 9.09 -10.35
CA LEU A 244 -11.71 9.26 -8.93
C LEU A 244 -11.22 10.61 -8.42
N ILE A 245 -10.12 11.10 -9.01
CA ILE A 245 -9.66 12.45 -8.74
C ILE A 245 -10.70 13.44 -9.24
N GLN A 246 -11.26 13.14 -10.40
CA GLN A 246 -12.31 13.98 -10.98
C GLN A 246 -13.59 13.96 -10.16
N PHE A 247 -13.87 12.83 -9.52
CA PHE A 247 -14.98 12.74 -8.57
C PHE A 247 -14.76 13.73 -7.44
N GLY A 248 -13.51 13.82 -6.97
CA GLY A 248 -13.15 14.75 -5.91
C GLY A 248 -13.29 16.19 -6.36
N GLU A 249 -12.96 16.45 -7.61
CA GLU A 249 -13.10 17.79 -8.18
C GLU A 249 -14.57 18.22 -8.24
N GLU A 250 -15.41 17.34 -8.79
CA GLU A 250 -16.83 17.62 -8.98
C GLU A 250 -17.54 17.95 -7.66
N VAL A 251 -17.22 17.21 -6.60
CA VAL A 251 -17.87 17.39 -5.32
C VAL A 251 -17.36 18.62 -4.56
N SER A 252 -16.07 18.93 -4.73
CA SER A 252 -15.46 20.03 -3.99
C SER A 252 -15.54 21.38 -4.71
N GLY A 253 -15.50 21.34 -6.04
CA GLY A 253 -15.49 22.56 -6.84
C GLY A 253 -14.08 23.10 -7.00
N LYS A 254 -13.11 22.34 -6.48
CA LYS A 254 -11.70 22.67 -6.62
C LYS A 254 -11.10 21.90 -7.78
N LYS A 255 -10.00 22.41 -8.32
CA LYS A 255 -9.35 21.77 -9.47
C LYS A 255 -8.02 21.12 -9.12
N TYR A 256 -7.74 20.01 -9.77
CA TYR A 256 -6.48 19.30 -9.61
C TYR A 256 -5.36 20.02 -10.35
N GLY A 257 -4.18 20.10 -9.72
CA GLY A 257 -3.01 20.66 -10.36
C GLY A 257 -2.87 22.17 -10.28
N GLU A 258 -3.43 22.77 -9.24
CA GLU A 258 -3.34 24.21 -9.03
C GLU A 258 -2.61 24.53 -7.73
N LYS A 259 -3.00 23.84 -6.67
CA LYS A 259 -2.44 24.05 -5.35
C LYS A 259 -2.00 22.69 -4.82
N PHE A 260 -0.82 22.63 -4.21
CA PHE A 260 -0.29 21.36 -3.70
C PHE A 260 -1.18 20.73 -2.64
N GLU A 261 -1.63 21.55 -1.69
CA GLU A 261 -2.46 21.07 -0.58
C GLU A 261 -3.84 20.60 -1.06
N THR A 262 -4.31 21.19 -2.16
CA THR A 262 -5.57 20.80 -2.76
C THR A 262 -5.43 19.43 -3.41
N ASP A 263 -4.30 19.20 -4.05
CA ASP A 263 -4.01 17.92 -4.71
C ASP A 263 -3.83 16.79 -3.71
N VAL A 264 -3.21 17.10 -2.58
CA VAL A 264 -3.00 16.12 -1.52
C VAL A 264 -4.34 15.54 -1.08
N ALA A 265 -5.27 16.43 -0.73
CA ALA A 265 -6.60 16.02 -0.32
C ALA A 265 -7.28 15.21 -1.42
N LEU A 266 -7.08 15.62 -2.68
CA LEU A 266 -7.68 14.94 -3.81
C LEU A 266 -7.13 13.53 -4.00
N ARG A 267 -5.81 13.39 -3.90
CA ARG A 267 -5.17 12.08 -4.02
C ARG A 267 -5.55 11.17 -2.86
N VAL A 268 -5.64 11.73 -1.66
CA VAL A 268 -6.04 10.98 -0.48
C VAL A 268 -7.42 10.38 -0.66
N ILE A 269 -8.37 11.18 -1.11
CA ILE A 269 -9.74 10.73 -1.31
C ILE A 269 -9.84 9.66 -2.40
N ALA A 270 -9.13 9.87 -3.50
CA ALA A 270 -9.15 8.95 -4.62
C ALA A 270 -8.59 7.58 -4.24
N ASP A 271 -7.48 7.59 -3.52
CA ASP A 271 -6.81 6.36 -3.10
C ASP A 271 -7.58 5.62 -2.02
N HIS A 272 -8.08 6.38 -1.05
CA HIS A 272 -8.78 5.82 0.09
C HIS A 272 -10.11 5.20 -0.32
N LEU A 273 -10.72 5.77 -1.36
CA LEU A 273 -11.96 5.24 -1.90
C LEU A 273 -11.77 3.82 -2.40
N ARG A 274 -10.62 3.55 -3.00
CA ARG A 274 -10.33 2.22 -3.50
C ARG A 274 -10.10 1.26 -2.34
N ALA A 275 -9.38 1.73 -1.33
CA ALA A 275 -9.09 0.91 -0.16
C ALA A 275 -10.37 0.50 0.58
N ILE A 276 -11.17 1.48 0.98
CA ILE A 276 -12.40 1.21 1.71
C ILE A 276 -13.34 0.31 0.93
N THR A 277 -13.48 0.58 -0.37
CA THR A 277 -14.35 -0.21 -1.24
C THR A 277 -13.95 -1.68 -1.24
N PHE A 278 -12.66 -1.94 -1.45
CA PHE A 278 -12.16 -3.31 -1.55
C PHE A 278 -12.11 -4.06 -0.22
N ALA A 279 -11.84 -3.33 0.86
CA ALA A 279 -11.73 -3.94 2.18
C ALA A 279 -13.09 -4.34 2.73
N ILE A 280 -14.07 -3.44 2.62
CA ILE A 280 -15.42 -3.70 3.11
C ILE A 280 -16.12 -4.76 2.26
N SER A 281 -15.79 -4.78 0.96
CA SER A 281 -16.30 -5.83 0.08
C SER A 281 -15.73 -7.19 0.48
N ASP A 282 -14.51 -7.19 1.01
CA ASP A 282 -13.87 -8.44 1.42
C ASP A 282 -14.18 -8.83 2.87
N GLY A 283 -15.16 -8.16 3.47
CA GLY A 283 -15.70 -8.60 4.76
C GLY A 283 -15.32 -7.80 5.98
N VAL A 284 -14.63 -6.69 5.80
CA VAL A 284 -14.21 -5.88 6.95
C VAL A 284 -15.28 -4.89 7.40
N ILE A 285 -15.53 -4.87 8.70
CA ILE A 285 -16.47 -3.94 9.30
C ILE A 285 -15.71 -2.88 10.09
N PRO A 286 -15.96 -1.59 9.78
CA PRO A 286 -15.32 -0.50 10.50
C PRO A 286 -15.56 -0.61 12.00
N SER A 287 -14.49 -0.78 12.76
CA SER A 287 -14.58 -0.92 14.21
C SER A 287 -13.49 -0.13 14.91
N ASN A 288 -13.31 -0.39 16.20
CA ASN A 288 -12.35 0.36 16.99
C ASN A 288 -11.08 -0.43 17.30
N GLU A 289 -10.84 -1.49 16.55
CA GLU A 289 -9.64 -2.31 16.73
C GLU A 289 -9.29 -3.10 15.48
N GLY A 290 -8.01 -3.41 15.32
CA GLY A 290 -7.53 -4.26 14.25
C GLY A 290 -7.85 -3.78 12.85
N ARG A 291 -8.17 -4.72 11.97
CA ARG A 291 -8.50 -4.41 10.57
C ARG A 291 -9.63 -3.40 10.48
N GLY A 292 -10.61 -3.52 11.38
CA GLY A 292 -11.74 -2.62 11.40
C GLY A 292 -11.38 -1.18 11.72
N TYR A 293 -10.32 -0.99 12.52
CA TYR A 293 -9.89 0.35 12.90
C TYR A 293 -9.03 1.00 11.84
N VAL A 294 -8.23 0.21 11.14
CA VAL A 294 -7.37 0.72 10.08
C VAL A 294 -8.23 1.36 8.98
N ILE A 295 -9.35 0.72 8.69
CA ILE A 295 -10.25 1.20 7.64
C ILE A 295 -11.14 2.33 8.16
N ARG A 296 -11.46 2.28 9.45
CA ARG A 296 -12.12 3.40 10.10
C ARG A 296 -11.24 4.64 9.95
N ARG A 297 -9.96 4.49 10.27
CA ARG A 297 -8.99 5.57 10.12
C ARG A 297 -8.90 6.07 8.69
N ILE A 298 -8.73 5.14 7.76
CA ILE A 298 -8.66 5.47 6.34
C ILE A 298 -9.91 6.25 5.92
N LEU A 299 -11.07 5.77 6.35
CA LEU A 299 -12.34 6.40 6.03
C LEU A 299 -12.46 7.77 6.70
N ARG A 300 -11.99 7.86 7.94
CA ARG A 300 -12.02 9.13 8.68
C ARG A 300 -11.04 10.13 8.06
N ARG A 301 -9.86 9.66 7.69
CA ARG A 301 -8.87 10.52 7.06
C ARG A 301 -9.41 11.12 5.78
N ALA A 302 -10.08 10.31 4.98
CA ALA A 302 -10.68 10.77 3.73
C ALA A 302 -11.77 11.81 4.01
N MET A 303 -12.60 11.53 4.99
CA MET A 303 -13.65 12.45 5.42
C MET A 303 -13.06 13.80 5.84
N ARG A 304 -11.88 13.75 6.45
CA ARG A 304 -11.24 14.96 6.96
C ARG A 304 -10.69 15.82 5.83
N PHE A 305 -10.08 15.19 4.84
CA PHE A 305 -9.50 15.91 3.71
C PHE A 305 -10.57 16.48 2.79
N GLY A 306 -11.72 15.81 2.73
CA GLY A 306 -12.85 16.30 1.96
C GLY A 306 -13.41 17.55 2.61
N TYR A 307 -13.59 17.48 3.92
CA TYR A 307 -14.05 18.62 4.70
C TYR A 307 -13.05 19.78 4.61
N LYS A 308 -11.78 19.45 4.45
CA LYS A 308 -10.74 20.45 4.26
C LYS A 308 -10.94 21.18 2.93
N LEU A 309 -11.56 20.50 1.97
CA LEU A 309 -11.85 21.10 0.67
C LEU A 309 -13.20 21.82 0.66
N GLY A 310 -13.88 21.82 1.81
CA GLY A 310 -15.14 22.54 1.95
C GLY A 310 -16.38 21.68 1.77
N ILE A 311 -16.20 20.37 1.69
CA ILE A 311 -17.33 19.45 1.56
C ILE A 311 -18.01 19.26 2.92
N GLU A 312 -19.19 19.86 3.06
CA GLU A 312 -19.90 19.88 4.33
C GLU A 312 -20.80 18.67 4.54
N ASN A 313 -20.91 17.84 3.51
CA ASN A 313 -21.74 16.66 3.58
C ASN A 313 -20.96 15.40 3.23
N PRO A 314 -21.55 14.23 3.51
CA PRO A 314 -20.99 12.95 3.08
C PRO A 314 -20.96 12.86 1.56
N PHE A 315 -19.90 12.24 1.04
CA PHE A 315 -19.70 12.14 -0.39
C PHE A 315 -19.05 10.80 -0.72
N LEU A 316 -18.38 10.22 0.26
CA LEU A 316 -17.56 9.04 0.01
C LEU A 316 -18.38 7.85 -0.46
N TYR A 317 -19.64 7.77 -0.04
CA TYR A 317 -20.50 6.67 -0.45
C TYR A 317 -20.82 6.73 -1.95
N LYS A 318 -20.82 7.93 -2.51
CA LYS A 318 -21.05 8.09 -3.96
C LYS A 318 -19.86 7.58 -4.75
N GLY A 319 -18.67 7.74 -4.19
CA GLY A 319 -17.44 7.34 -4.86
C GLY A 319 -17.30 5.84 -5.02
N VAL A 320 -17.91 5.09 -4.10
CA VAL A 320 -17.91 3.63 -4.16
C VAL A 320 -18.48 3.15 -5.49
N ASP A 321 -19.55 3.81 -5.94
CA ASP A 321 -20.17 3.49 -7.23
C ASP A 321 -19.16 3.57 -8.36
N LEU A 322 -18.36 4.64 -8.37
CA LEU A 322 -17.38 4.86 -9.41
C LEU A 322 -16.32 3.76 -9.39
N VAL A 323 -15.78 3.46 -8.20
CA VAL A 323 -14.76 2.42 -8.06
C VAL A 323 -15.28 1.09 -8.59
N VAL A 324 -16.45 0.68 -8.11
CA VAL A 324 -17.09 -0.56 -8.54
C VAL A 324 -17.22 -0.59 -10.06
N ASP A 325 -17.71 0.50 -10.64
CA ASP A 325 -17.92 0.58 -12.08
C ASP A 325 -16.60 0.58 -12.87
N ILE A 326 -15.55 1.07 -12.23
CA ILE A 326 -14.22 1.11 -12.86
C ILE A 326 -13.52 -0.23 -12.72
N MET A 327 -13.87 -0.98 -11.68
CA MET A 327 -13.16 -2.22 -11.36
C MET A 327 -14.05 -3.46 -11.39
N LYS A 328 -15.11 -3.44 -12.19
CA LYS A 328 -16.04 -4.57 -12.24
C LYS A 328 -15.64 -5.66 -13.24
N GLU A 329 -14.84 -5.30 -14.24
CA GLU A 329 -14.36 -6.27 -15.20
C GLU A 329 -13.47 -7.32 -14.52
N PRO A 330 -12.33 -6.88 -13.96
CA PRO A 330 -11.43 -7.79 -13.26
C PRO A 330 -11.98 -8.27 -11.92
N TYR A 331 -12.87 -7.49 -11.33
CA TYR A 331 -13.50 -7.87 -10.07
C TYR A 331 -15.02 -7.72 -10.15
N PRO A 332 -15.68 -8.67 -10.82
CA PRO A 332 -17.13 -8.66 -11.04
C PRO A 332 -17.90 -8.84 -9.73
N GLU A 333 -17.20 -9.31 -8.70
CA GLU A 333 -17.83 -9.54 -7.40
C GLU A 333 -18.07 -8.24 -6.65
N LEU A 334 -17.43 -7.16 -7.09
CA LEU A 334 -17.63 -5.85 -6.48
C LEU A 334 -19.04 -5.33 -6.72
N GLU A 335 -19.71 -5.88 -7.73
CA GLU A 335 -21.07 -5.47 -8.07
C GLU A 335 -22.10 -6.06 -7.11
N LEU A 336 -21.82 -7.26 -6.59
CA LEU A 336 -22.70 -7.90 -5.62
C LEU A 336 -22.58 -7.24 -4.25
N SER A 337 -21.41 -6.65 -3.98
CA SER A 337 -21.16 -6.02 -2.69
C SER A 337 -21.38 -4.51 -2.73
N ARG A 338 -21.65 -3.99 -3.92
CA ARG A 338 -21.79 -2.54 -4.12
C ARG A 338 -22.67 -1.85 -3.07
N GLU A 339 -23.97 -2.13 -3.11
CA GLU A 339 -24.94 -1.47 -2.22
C GLU A 339 -24.63 -1.71 -0.75
N PHE A 340 -24.12 -2.90 -0.45
CA PHE A 340 -23.71 -3.23 0.92
C PHE A 340 -22.56 -2.34 1.37
N VAL A 341 -21.54 -2.21 0.54
CA VAL A 341 -20.40 -1.37 0.84
C VAL A 341 -20.83 0.09 0.95
N LYS A 342 -21.65 0.52 0.00
CA LYS A 342 -22.15 1.90 -0.04
C LYS A 342 -22.88 2.27 1.25
N GLY A 343 -23.76 1.38 1.70
CA GLY A 343 -24.51 1.60 2.94
C GLY A 343 -23.61 1.71 4.15
N ILE A 344 -22.68 0.76 4.26
CA ILE A 344 -21.70 0.77 5.35
C ILE A 344 -20.95 2.10 5.41
N VAL A 345 -20.46 2.54 4.26
CA VAL A 345 -19.69 3.78 4.17
C VAL A 345 -20.52 5.00 4.54
N LYS A 346 -21.72 5.10 3.97
CA LYS A 346 -22.61 6.21 4.25
C LYS A 346 -22.94 6.31 5.74
N GLY A 347 -23.18 5.16 6.36
CA GLY A 347 -23.48 5.10 7.79
C GLY A 347 -22.30 5.54 8.64
N GLU A 348 -21.09 5.15 8.23
CA GLU A 348 -19.87 5.56 8.90
C GLU A 348 -19.67 7.07 8.77
N GLU A 349 -19.80 7.57 7.55
CA GLU A 349 -19.72 9.00 7.28
C GLU A 349 -20.74 9.75 8.13
N LYS A 350 -21.99 9.27 8.08
CA LYS A 350 -23.11 9.91 8.76
C LYS A 350 -22.92 9.88 10.27
N ARG A 351 -22.29 8.81 10.76
CA ARG A 351 -22.05 8.59 12.17
C ARG A 351 -21.02 9.58 12.75
N PHE A 352 -20.04 9.97 11.94
CA PHE A 352 -18.89 10.72 12.44
C PHE A 352 -18.76 12.15 11.94
N ILE A 353 -19.45 12.50 10.88
CA ILE A 353 -19.23 13.79 10.20
C ILE A 353 -19.35 15.01 11.13
N LYS A 354 -20.41 15.06 11.93
CA LYS A 354 -20.62 16.18 12.84
C LYS A 354 -19.55 16.22 13.93
N THR A 355 -19.11 15.04 14.35
CA THR A 355 -18.10 14.91 15.39
C THR A 355 -16.71 15.25 14.83
N LEU A 356 -16.56 15.08 13.53
CA LEU A 356 -15.32 15.44 12.85
C LEU A 356 -15.18 16.96 12.77
N LYS A 357 -16.27 17.62 12.41
CA LYS A 357 -16.28 19.08 12.30
C LYS A 357 -16.00 19.72 13.65
N ALA A 358 -16.74 19.30 14.67
CA ALA A 358 -16.56 19.81 16.03
C ALA A 358 -15.14 19.56 16.53
N GLY A 359 -14.57 18.43 16.14
CA GLY A 359 -13.20 18.08 16.53
C GLY A 359 -12.18 18.95 15.84
N MET A 360 -12.42 19.24 14.56
CA MET A 360 -11.53 20.08 13.77
C MET A 360 -11.51 21.51 14.31
N GLU A 361 -12.64 21.97 14.83
CA GLU A 361 -12.73 23.29 15.43
C GLU A 361 -11.90 23.32 16.71
N TYR A 362 -12.09 22.32 17.57
CA TYR A 362 -11.32 22.22 18.82
C TYR A 362 -9.83 22.13 18.54
N ILE A 363 -9.45 21.25 17.62
CA ILE A 363 -8.04 21.07 17.27
C ILE A 363 -7.42 22.35 16.72
N GLN A 364 -8.11 22.99 15.79
CA GLN A 364 -7.60 24.25 15.22
C GLN A 364 -7.59 25.37 16.26
N GLU A 365 -8.40 25.21 17.31
CA GLU A 365 -8.46 26.19 18.39
C GLU A 365 -7.23 26.11 19.29
N VAL A 366 -7.01 24.94 19.89
CA VAL A 366 -5.85 24.75 20.75
C VAL A 366 -4.55 24.88 19.96
N ILE A 367 -4.58 24.50 18.69
CA ILE A 367 -3.42 24.69 17.82
C ILE A 367 -3.10 26.17 17.75
N GLN A 368 -4.12 26.97 17.47
CA GLN A 368 -3.95 28.40 17.33
C GLN A 368 -3.48 29.05 18.63
N LYS A 369 -4.03 28.61 19.76
CA LYS A 369 -3.66 29.19 21.04
C LYS A 369 -2.22 28.84 21.41
N ALA A 370 -1.78 27.65 21.02
CA ALA A 370 -0.43 27.19 21.31
C ALA A 370 0.62 28.03 20.57
N LEU A 371 0.28 28.43 19.35
CA LEU A 371 1.15 29.27 18.55
C LEU A 371 1.19 30.69 19.11
N GLU A 372 0.08 31.14 19.69
CA GLU A 372 0.01 32.47 20.28
C GLU A 372 0.80 32.58 21.58
N GLU A 373 0.98 31.45 22.26
CA GLU A 373 1.63 31.45 23.57
C GLU A 373 3.03 30.84 23.51
N GLY A 374 3.48 30.52 22.30
CA GLY A 374 4.84 30.01 22.09
C GLY A 374 5.03 28.56 22.45
N ARG A 375 4.03 27.73 22.20
CA ARG A 375 4.17 26.29 22.44
C ARG A 375 4.42 25.54 21.14
N LYS A 376 5.28 24.53 21.21
CA LYS A 376 5.73 23.80 20.04
C LYS A 376 5.05 22.44 19.88
N THR A 377 4.26 22.05 20.88
CA THR A 377 3.57 20.77 20.84
C THR A 377 2.17 20.90 21.41
N LEU A 378 1.32 19.94 21.07
CA LEU A 378 0.06 19.83 21.76
C LEU A 378 0.28 19.00 23.01
N SER A 379 -0.23 19.47 24.13
CA SER A 379 -0.05 18.79 25.40
C SER A 379 -0.77 17.45 25.41
N GLY A 380 -0.33 16.56 26.29
CA GLY A 380 -0.96 15.24 26.42
C GLY A 380 -2.46 15.32 26.61
N LYS A 381 -2.91 16.29 27.41
CA LYS A 381 -4.34 16.48 27.68
C LYS A 381 -5.13 16.82 26.42
N GLU A 382 -4.58 17.72 25.60
CA GLU A 382 -5.25 18.15 24.38
C GLU A 382 -5.35 17.02 23.37
N VAL A 383 -4.31 16.20 23.30
CA VAL A 383 -4.28 15.06 22.40
C VAL A 383 -5.30 14.02 22.85
N PHE A 384 -5.50 13.91 24.16
CA PHE A 384 -6.44 12.95 24.71
C PHE A 384 -7.88 13.39 24.46
N THR A 385 -8.12 14.70 24.52
CA THR A 385 -9.45 15.25 24.28
C THR A 385 -9.93 14.90 22.88
N ALA A 386 -9.15 15.32 21.87
CA ALA A 386 -9.48 15.07 20.48
C ALA A 386 -9.61 13.58 20.19
N TYR A 387 -8.82 12.77 20.89
CA TYR A 387 -8.80 11.33 20.71
C TYR A 387 -9.98 10.66 21.40
N ASP A 388 -10.32 11.16 22.59
CA ASP A 388 -11.31 10.53 23.45
C ASP A 388 -12.68 11.18 23.33
N THR A 389 -12.71 12.50 23.39
CA THR A 389 -13.97 13.24 23.31
C THR A 389 -14.50 13.29 21.88
N TYR A 390 -13.61 13.43 20.91
CA TYR A 390 -14.05 13.61 19.52
C TYR A 390 -13.74 12.40 18.61
N GLY A 391 -13.18 11.35 19.19
CA GLY A 391 -12.91 10.11 18.46
C GLY A 391 -11.92 10.25 17.32
N PHE A 392 -11.06 11.25 17.39
CA PHE A 392 -10.04 11.44 16.37
C PHE A 392 -8.89 10.46 16.60
N PRO A 393 -8.55 9.67 15.56
CA PRO A 393 -7.40 8.78 15.63
C PRO A 393 -6.13 9.59 15.89
N VAL A 394 -5.27 9.06 16.75
CA VAL A 394 -4.03 9.76 17.13
C VAL A 394 -3.23 10.22 15.92
N ASP A 395 -3.02 9.31 14.97
CA ASP A 395 -2.27 9.61 13.75
C ASP A 395 -2.85 10.79 12.98
N LEU A 396 -4.16 10.97 13.07
CA LEU A 396 -4.84 12.07 12.38
C LEU A 396 -4.58 13.39 13.09
N ILE A 397 -4.56 13.34 14.42
CA ILE A 397 -4.27 14.52 15.24
C ILE A 397 -2.85 14.98 15.00
N ASP A 398 -1.93 14.01 14.95
CA ASP A 398 -0.52 14.28 14.70
C ASP A 398 -0.30 14.91 13.34
N GLU A 399 -1.19 14.61 12.40
CA GLU A 399 -1.05 15.09 11.03
C GLU A 399 -1.62 16.50 10.86
N ILE A 400 -2.72 16.79 11.56
CA ILE A 400 -3.32 18.12 11.50
C ILE A 400 -2.43 19.13 12.21
N ALA A 401 -1.83 18.71 13.32
CA ALA A 401 -0.89 19.55 14.05
C ALA A 401 0.38 19.78 13.24
N ARG A 402 0.75 18.76 12.47
CA ARG A 402 1.94 18.81 11.64
C ARG A 402 1.80 19.85 10.52
N GLU A 403 0.56 20.16 10.17
CA GLU A 403 0.28 21.11 9.09
C GLU A 403 0.66 22.54 9.47
N LYS A 404 0.88 22.78 10.76
CA LYS A 404 1.19 24.12 11.24
C LYS A 404 2.49 24.17 12.04
N GLY A 405 3.15 23.01 12.15
CA GLY A 405 4.48 22.95 12.76
C GLY A 405 4.52 22.41 14.18
N LEU A 406 3.37 22.00 14.69
CA LEU A 406 3.29 21.49 16.06
C LEU A 406 3.34 19.97 16.10
N GLY A 407 4.05 19.43 17.10
CA GLY A 407 4.07 18.01 17.34
C GLY A 407 3.03 17.65 18.39
N ILE A 408 3.13 16.44 18.94
CA ILE A 408 2.25 16.01 20.02
C ILE A 408 3.05 15.43 21.19
N ASP A 409 2.71 15.86 22.40
CA ASP A 409 3.40 15.43 23.61
C ASP A 409 3.12 13.95 23.89
N LEU A 410 4.01 13.09 23.41
CA LEU A 410 3.81 11.64 23.49
C LEU A 410 3.89 11.09 24.91
N GLU A 411 4.87 11.55 25.68
CA GLU A 411 5.01 11.11 27.07
C GLU A 411 3.82 11.58 27.91
N GLY A 412 3.36 12.79 27.62
CA GLY A 412 2.20 13.34 28.31
C GLY A 412 0.92 12.63 27.93
N PHE A 413 0.84 12.21 26.67
CA PHE A 413 -0.31 11.46 26.17
C PHE A 413 -0.32 10.06 26.77
N GLN A 414 0.86 9.46 26.89
CA GLN A 414 0.99 8.18 27.55
C GLN A 414 0.57 8.27 29.01
N CYS A 415 1.05 9.32 29.69
CA CYS A 415 0.65 9.57 31.06
C CYS A 415 -0.86 9.68 31.19
N GLU A 416 -1.46 10.51 30.34
CA GLU A 416 -2.90 10.72 30.37
C GLU A 416 -3.67 9.41 30.23
N LEU A 417 -3.17 8.53 29.36
CA LEU A 417 -3.83 7.24 29.12
C LEU A 417 -3.86 6.34 30.36
N GLU A 418 -2.73 6.25 31.05
CA GLU A 418 -2.68 5.48 32.28
C GLU A 418 -3.68 6.04 33.26
N GLU A 419 -3.75 7.37 33.34
CA GLU A 419 -4.67 8.00 34.27
C GLU A 419 -6.13 7.74 33.92
N GLN A 420 -6.41 7.57 32.63
CA GLN A 420 -7.77 7.26 32.16
C GLN A 420 -8.04 5.77 32.34
N ARG A 421 -7.07 4.95 31.96
CA ARG A 421 -7.16 3.51 32.15
C ARG A 421 -7.40 3.27 33.64
N GLU A 422 -6.91 4.22 34.43
CA GLU A 422 -7.07 4.16 35.87
C GLU A 422 -8.49 4.45 36.34
N ARG A 423 -9.27 5.20 35.57
CA ARG A 423 -10.62 5.49 36.02
C ARG A 423 -11.46 4.22 36.11
N ALA A 424 -11.26 3.30 35.17
CA ALA A 424 -11.86 1.97 35.28
C ALA A 424 -11.16 1.17 36.37
N ARG A 425 -9.87 1.46 36.58
CA ARG A 425 -9.06 0.71 37.54
C ARG A 425 -8.93 1.33 38.92
N LYS A 426 -9.17 2.64 39.02
CA LYS A 426 -9.01 3.37 40.28
C LYS A 426 -9.27 4.87 40.11
N PRO A 437 -12.51 -7.46 22.84
CA PRO A 437 -11.84 -6.25 23.27
C PRO A 437 -10.36 -6.25 22.91
N VAL A 438 -9.62 -5.29 23.46
CA VAL A 438 -8.18 -5.21 23.25
C VAL A 438 -7.50 -5.11 24.60
N TYR A 439 -6.26 -5.59 24.68
CA TYR A 439 -5.51 -5.52 25.92
C TYR A 439 -4.16 -4.87 25.72
N SER A 440 -3.80 -3.99 26.64
CA SER A 440 -2.52 -3.31 26.54
C SER A 440 -1.68 -3.48 27.78
N HIS A 441 -0.43 -3.85 27.57
CA HIS A 441 0.56 -3.75 28.61
C HIS A 441 0.56 -2.29 29.05
N LEU A 442 0.86 -2.05 30.32
CA LEU A 442 1.02 -0.68 30.77
C LEU A 442 2.29 -0.13 30.16
N LYS A 443 2.23 1.09 29.64
CA LYS A 443 3.38 1.70 28.97
C LYS A 443 3.33 1.46 27.47
N GLU A 444 2.63 0.39 27.09
CA GLU A 444 2.32 0.11 25.69
C GLU A 444 1.26 1.07 25.21
N LEU A 445 0.47 1.55 26.16
CA LEU A 445 -0.76 2.29 25.90
C LEU A 445 -0.59 3.45 24.93
N GLY A 446 0.48 4.21 25.09
CA GLY A 446 0.78 5.30 24.17
C GLY A 446 0.94 4.74 22.77
N LYS A 447 1.71 3.66 22.67
CA LYS A 447 2.00 3.02 21.39
C LYS A 447 0.81 2.28 20.81
N THR A 448 0.03 1.63 21.69
CA THR A 448 -1.12 0.84 21.27
C THR A 448 -2.26 1.72 20.77
N SER A 449 -2.30 2.96 21.24
CA SER A 449 -3.39 3.89 20.91
C SER A 449 -3.34 4.37 19.45
N ALA A 450 -2.28 4.02 18.73
CA ALA A 450 -2.14 4.41 17.34
C ALA A 450 -2.86 3.42 16.42
N PHE A 451 -3.36 2.33 17.00
CA PHE A 451 -3.98 1.26 16.22
C PHE A 451 -5.34 0.83 16.77
N VAL A 452 -5.80 1.50 17.83
CA VAL A 452 -7.13 1.26 18.37
C VAL A 452 -7.83 2.57 18.72
N GLY A 453 -9.17 2.54 18.73
CA GLY A 453 -9.95 3.69 19.14
C GLY A 453 -9.91 3.85 20.64
N ALA A 454 -10.29 5.04 21.12
CA ALA A 454 -10.25 5.32 22.55
C ALA A 454 -11.11 4.34 23.34
N ALA A 455 -12.30 4.03 22.81
CA ALA A 455 -13.25 3.16 23.49
C ALA A 455 -12.76 1.72 23.63
N ALA A 456 -11.79 1.34 22.80
CA ALA A 456 -11.24 -0.01 22.82
C ALA A 456 -10.30 -0.22 24.01
N LEU A 457 -9.72 0.87 24.49
CA LEU A 457 -8.83 0.83 25.64
C LEU A 457 -9.60 0.66 26.95
#